data_8ECG
#
_entry.id   8ECG
#
_cell.length_a   85.550
_cell.length_b   85.550
_cell.length_c   265.152
_cell.angle_alpha   90.000
_cell.angle_beta   90.000
_cell.angle_gamma   90.000
#
_symmetry.space_group_name_H-M   'I 41 2 2'
#
loop_
_entity.id
_entity.type
_entity.pdbx_description
1 polymer '3-hydroxy-3-methylglutaryl-coenzyme A reductase 1'
2 non-polymer GLYCEROL
3 non-polymer Pitavastatin
4 water water
#
_entity_poly.entity_id   1
_entity_poly.type   'polypeptide(L)'
_entity_poly.pdbx_seq_one_letter_code
;ENLYFQISRASGDAWDLADTIDDDDHRLVTCSPPTPIVSVAKLPNPEPIVTESLPEEDEEIVKSVIDGVIPSYSLESRLG
DCKRAASIRREALQRVTGRSIEGLPLDGFDYESILGQCCEMPVGYIQIPVGIAGPLLLDGYEYSVPMATTEGCLVASTNR
GCKAMFISGGATSTVLKDGMTRAPVVRFASARRASELKFFLENPENFDTLAVVFNRSSRFARLQSVKCTIAGKNAYVRFC
CSTGDAMGMNMVSKGVQNVLEYLTDDFPDMDVIGISGNFCSDKKPAAVNWIEGRGKSVVCEAVIRGEIVNKVLKTSVAAL
VELNMLKNLAGSAVAGSLGGFNAHASNIVSAVFIATGQDPAQNVESSQCITMMEAINDGKDIHISVTMPSIEVGTVGGGT
QLASQSACLNLLGVKGASTESPGMNARRLATIVAGAVLAGELSLMSAIAAGQLVRSHMKYNRSSRDISGATTTTTTTT
;
_entity_poly.pdbx_strand_id   A
#
loop_
_chem_comp.id
_chem_comp.type
_chem_comp.name
_chem_comp.formula
GOL non-polymer GLYCEROL 'C3 H8 O3'
PV9 non-polymer Pitavastatin 'C25 H24 F N O4'
#
# COMPACT_ATOMS: atom_id res chain seq x y z
N ARG A 84 3.62 -31.28 -14.44
CA ARG A 84 3.93 -32.35 -15.44
C ARG A 84 5.13 -31.88 -16.26
N ALA A 85 4.93 -30.90 -17.16
CA ALA A 85 5.98 -30.28 -18.02
C ALA A 85 7.03 -29.56 -17.17
N ALA A 86 6.57 -28.69 -16.27
CA ALA A 86 7.37 -27.99 -15.23
C ALA A 86 8.31 -28.98 -14.52
N SER A 87 7.86 -30.22 -14.32
CA SER A 87 8.67 -31.36 -13.80
C SER A 87 9.80 -31.75 -14.78
N ILE A 88 9.53 -31.77 -16.09
CA ILE A 88 10.51 -32.11 -17.18
C ILE A 88 11.45 -30.93 -17.39
N ARG A 89 10.92 -29.71 -17.23
CA ARG A 89 11.66 -28.42 -17.38
C ARG A 89 12.71 -28.25 -16.27
N ARG A 90 12.51 -28.87 -15.09
CA ARG A 90 13.45 -28.78 -13.94
C ARG A 90 14.73 -29.56 -14.23
N GLU A 91 14.58 -30.72 -14.90
CA GLU A 91 15.69 -31.66 -15.24
C GLU A 91 16.47 -31.10 -16.43
N ALA A 92 15.76 -30.42 -17.34
CA ALA A 92 16.36 -29.61 -18.44
C ALA A 92 17.46 -28.70 -17.87
N LEU A 93 17.14 -27.99 -16.78
CA LEU A 93 18.01 -26.96 -16.13
C LEU A 93 19.21 -27.58 -15.41
N GLN A 94 19.02 -28.73 -14.75
CA GLN A 94 20.09 -29.49 -14.07
C GLN A 94 20.95 -30.24 -15.11
N ARG A 95 20.56 -30.20 -16.39
CA ARG A 95 21.34 -30.80 -17.52
C ARG A 95 21.59 -29.72 -18.59
N ARG A 99 24.26 -25.94 -10.61
CA ARG A 99 23.58 -26.89 -11.54
C ARG A 99 22.40 -27.57 -10.83
N SER A 100 22.57 -27.99 -9.56
CA SER A 100 21.51 -28.65 -8.74
C SER A 100 20.52 -27.62 -8.15
N ILE A 101 19.21 -27.76 -8.44
CA ILE A 101 18.10 -27.00 -7.80
C ILE A 101 17.22 -28.01 -7.04
N GLU A 102 17.84 -28.73 -6.08
CA GLU A 102 17.29 -29.89 -5.34
C GLU A 102 16.32 -29.47 -4.23
N GLY A 103 16.69 -28.50 -3.38
CA GLY A 103 15.87 -27.96 -2.27
C GLY A 103 14.53 -27.40 -2.74
N LEU A 104 14.55 -26.66 -3.85
CA LEU A 104 13.34 -26.04 -4.47
C LEU A 104 12.28 -27.12 -4.62
N PRO A 105 11.16 -27.10 -3.84
CA PRO A 105 10.10 -28.09 -4.02
C PRO A 105 9.36 -27.95 -5.37
N LEU A 106 8.82 -29.06 -5.87
CA LEU A 106 8.03 -29.13 -7.13
C LEU A 106 6.60 -29.56 -6.79
N ASP A 107 6.45 -30.65 -6.03
CA ASP A 107 5.15 -31.21 -5.57
C ASP A 107 4.66 -30.41 -4.35
N GLY A 108 3.37 -30.06 -4.33
CA GLY A 108 2.72 -29.33 -3.21
C GLY A 108 1.85 -28.19 -3.70
N PHE A 109 2.17 -27.62 -4.88
CA PHE A 109 1.47 -26.47 -5.52
C PHE A 109 0.71 -26.96 -6.77
N ASP A 110 -0.52 -26.47 -6.94
CA ASP A 110 -1.41 -26.72 -8.12
C ASP A 110 -1.16 -25.64 -9.20
N TYR A 111 -0.65 -26.04 -10.38
CA TYR A 111 -0.24 -25.13 -11.49
C TYR A 111 -1.35 -25.08 -12.56
N MET A 121 5.29 -20.45 -17.08
CA MET A 121 6.52 -21.29 -17.18
C MET A 121 7.05 -21.70 -15.81
N PRO A 122 6.25 -22.34 -14.89
CA PRO A 122 6.69 -22.60 -13.52
C PRO A 122 7.71 -23.75 -13.46
N VAL A 123 8.79 -23.60 -12.68
CA VAL A 123 9.86 -24.63 -12.55
C VAL A 123 9.92 -25.12 -11.09
N GLY A 124 8.96 -24.72 -10.27
CA GLY A 124 8.95 -25.01 -8.82
C GLY A 124 8.22 -23.93 -8.03
N TYR A 125 8.55 -23.82 -6.75
CA TYR A 125 8.02 -22.76 -5.85
C TYR A 125 8.95 -22.65 -4.63
N ILE A 126 9.09 -21.44 -4.07
CA ILE A 126 9.83 -21.26 -2.79
C ILE A 126 8.81 -21.22 -1.63
N GLN A 127 9.30 -21.46 -0.42
CA GLN A 127 8.50 -21.49 0.84
C GLN A 127 9.00 -20.41 1.82
N ILE A 128 8.11 -19.49 2.23
CA ILE A 128 8.38 -18.46 3.28
C ILE A 128 7.48 -18.74 4.49
N PRO A 129 8.07 -18.89 5.70
CA PRO A 129 7.28 -19.28 6.87
C PRO A 129 6.40 -18.09 7.30
N VAL A 130 5.19 -18.41 7.82
CA VAL A 130 4.17 -17.42 8.26
C VAL A 130 4.10 -17.40 9.78
N GLY A 131 4.36 -16.24 10.37
CA GLY A 131 4.12 -15.93 11.79
C GLY A 131 2.85 -15.12 11.99
N ILE A 132 2.36 -15.08 13.23
CA ILE A 132 1.11 -14.37 13.62
C ILE A 132 1.47 -13.28 14.62
N ALA A 133 1.06 -12.05 14.34
CA ALA A 133 1.08 -10.90 15.27
C ALA A 133 -0.35 -10.63 15.69
N GLY A 134 -0.63 -10.66 17.01
CA GLY A 134 -1.97 -10.38 17.55
C GLY A 134 -2.15 -10.71 19.03
N PRO A 135 -3.35 -10.41 19.59
CA PRO A 135 -4.41 -9.74 18.82
C PRO A 135 -4.07 -8.28 18.51
N LEU A 136 -4.33 -7.88 17.26
CA LEU A 136 -4.30 -6.45 16.85
C LEU A 136 -5.74 -5.96 16.99
N LEU A 137 -5.98 -5.14 18.01
CA LEU A 137 -7.34 -4.59 18.25
C LEU A 137 -7.44 -3.30 17.46
N LEU A 138 -8.34 -3.29 16.48
CA LEU A 138 -8.43 -2.25 15.43
C LEU A 138 -9.89 -1.98 15.08
N ASP A 139 -10.31 -0.73 15.24
CA ASP A 139 -11.68 -0.24 14.93
C ASP A 139 -12.72 -1.22 15.50
N GLY A 140 -12.46 -1.75 16.68
CA GLY A 140 -13.38 -2.68 17.36
C GLY A 140 -12.92 -4.12 17.29
N TYR A 141 -12.51 -4.59 16.11
CA TYR A 141 -12.31 -6.05 15.87
C TYR A 141 -10.91 -6.45 16.31
N GLU A 142 -10.74 -7.74 16.57
CA GLU A 142 -9.40 -8.32 16.82
C GLU A 142 -8.97 -9.03 15.55
N TYR A 143 -7.67 -9.00 15.25
CA TYR A 143 -7.07 -9.66 14.06
C TYR A 143 -5.84 -10.45 14.49
N SER A 144 -5.72 -11.69 13.98
CA SER A 144 -4.43 -12.42 13.91
C SER A 144 -3.75 -12.06 12.59
N VAL A 145 -2.71 -11.21 12.64
CA VAL A 145 -2.03 -10.61 11.44
C VAL A 145 -1.03 -11.59 10.89
N PRO A 146 -1.25 -12.21 9.70
CA PRO A 146 -0.27 -13.13 9.13
C PRO A 146 0.91 -12.33 8.54
N MET A 147 2.13 -12.74 8.87
CA MET A 147 3.39 -12.08 8.45
C MET A 147 4.34 -13.12 7.87
N ALA A 148 4.49 -13.14 6.54
CA ALA A 148 5.42 -14.05 5.83
C ALA A 148 6.81 -13.44 5.87
N THR A 149 7.71 -14.05 6.65
CA THR A 149 9.06 -13.49 6.89
C THR A 149 10.02 -14.58 7.35
N THR A 150 11.31 -14.38 7.06
CA THR A 150 12.42 -15.28 7.49
C THR A 150 12.92 -14.82 8.87
N GLU A 151 13.05 -13.50 9.10
CA GLU A 151 13.56 -12.86 10.36
C GLU A 151 13.11 -13.61 11.63
N GLY A 152 11.82 -13.55 11.99
CA GLY A 152 11.24 -14.27 13.16
C GLY A 152 11.20 -13.39 14.41
N CYS A 153 12.28 -12.64 14.66
CA CYS A 153 12.34 -11.57 15.69
CA CYS A 153 12.31 -11.59 15.72
C CYS A 153 11.43 -10.41 15.30
N LEU A 154 11.03 -10.36 14.03
CA LEU A 154 10.10 -9.32 13.52
C LEU A 154 8.66 -9.66 13.92
N VAL A 155 8.28 -10.94 13.89
CA VAL A 155 6.90 -11.33 14.30
C VAL A 155 6.75 -11.03 15.80
N ALA A 156 7.76 -11.41 16.59
CA ALA A 156 7.86 -11.15 18.05
C ALA A 156 7.71 -9.65 18.35
N SER A 157 8.45 -8.81 17.61
CA SER A 157 8.53 -7.34 17.81
C SER A 157 7.16 -6.72 17.51
N THR A 158 6.51 -7.19 16.44
CA THR A 158 5.16 -6.71 16.04
C THR A 158 4.12 -7.19 17.05
N ASN A 159 4.40 -8.30 17.70
CA ASN A 159 3.51 -8.90 18.73
C ASN A 159 3.48 -8.03 19.98
N ARG A 160 4.66 -7.77 20.55
CA ARG A 160 4.88 -6.82 21.67
C ARG A 160 4.16 -5.47 21.42
N GLY A 161 4.06 -5.00 20.18
CA GLY A 161 3.36 -3.75 19.85
C GLY A 161 1.85 -3.89 19.91
N CYS A 162 1.31 -5.00 19.36
CA CYS A 162 -0.14 -5.31 19.33
C CYS A 162 -0.73 -5.47 20.75
N LYS A 163 0.05 -6.09 21.65
CA LYS A 163 -0.26 -6.28 23.09
C LYS A 163 -0.30 -4.94 23.83
N ALA A 164 0.72 -4.11 23.66
CA ALA A 164 0.80 -2.77 24.30
C ALA A 164 -0.42 -1.95 23.87
N MET A 165 -0.87 -2.14 22.62
CA MET A 165 -2.06 -1.42 22.11
C MET A 165 -3.35 -2.13 22.57
N PHE A 166 -3.28 -3.42 22.89
CA PHE A 166 -4.49 -4.22 23.24
C PHE A 166 -5.00 -3.72 24.60
N ILE A 167 -4.07 -3.53 25.52
CA ILE A 167 -4.32 -3.02 26.91
C ILE A 167 -4.46 -1.49 26.92
N SER A 168 -4.41 -0.79 25.78
CA SER A 168 -4.37 0.69 25.70
C SER A 168 -5.59 1.18 24.94
N GLY A 169 -6.52 0.29 24.64
CA GLY A 169 -7.77 0.66 23.94
C GLY A 169 -7.82 0.19 22.51
N GLY A 170 -6.66 -0.24 21.96
CA GLY A 170 -6.53 -0.61 20.54
C GLY A 170 -6.41 0.60 19.63
N ALA A 171 -6.37 0.36 18.33
CA ALA A 171 -6.05 1.38 17.30
C ALA A 171 -7.31 1.86 16.61
N THR A 172 -7.31 3.10 16.15
CA THR A 172 -8.42 3.62 15.31
C THR A 172 -7.85 4.06 13.95
N SER A 173 -8.25 3.37 12.89
CA SER A 173 -7.87 3.69 11.50
C SER A 173 -8.92 4.62 10.90
N THR A 174 -8.51 5.45 9.95
CA THR A 174 -9.43 6.30 9.13
C THR A 174 -8.91 6.25 7.70
N VAL A 175 -9.73 5.80 6.77
CA VAL A 175 -9.40 5.83 5.31
C VAL A 175 -9.69 7.25 4.80
N LEU A 176 -8.67 7.92 4.28
CA LEU A 176 -8.70 9.35 3.90
C LEU A 176 -9.05 9.51 2.41
N LYS A 177 -8.78 8.46 1.60
CA LYS A 177 -8.88 8.49 0.12
C LYS A 177 -8.66 7.08 -0.41
N ASP A 178 -9.41 6.68 -1.42
CA ASP A 178 -9.34 5.30 -1.97
C ASP A 178 -9.45 5.38 -3.49
N GLY A 179 -8.35 5.15 -4.22
CA GLY A 179 -8.34 5.26 -5.69
C GLY A 179 -7.01 4.93 -6.33
N MET A 180 -6.99 3.98 -7.27
CA MET A 180 -5.78 3.58 -8.04
C MET A 180 -5.59 4.48 -9.27
N THR A 181 -4.34 4.73 -9.67
CA THR A 181 -3.98 5.74 -10.70
C THR A 181 -3.12 5.11 -11.80
N ARG A 182 -3.33 5.58 -13.03
CA ARG A 182 -2.43 5.29 -14.19
C ARG A 182 -2.24 6.64 -14.89
N ALA A 183 -1.01 6.97 -15.31
CA ALA A 183 -0.67 8.26 -15.96
C ALA A 183 0.08 8.00 -17.26
N PRO A 184 -0.64 7.87 -18.40
CA PRO A 184 -0.01 7.93 -19.72
C PRO A 184 0.73 9.26 -19.96
N VAL A 185 1.83 9.24 -20.72
CA VAL A 185 2.40 10.46 -21.37
C VAL A 185 1.96 10.47 -22.84
N VAL A 186 1.27 11.54 -23.24
CA VAL A 186 0.87 11.82 -24.64
C VAL A 186 1.65 13.06 -25.07
N ARG A 187 1.74 13.37 -26.36
CA ARG A 187 2.34 14.67 -26.76
C ARG A 187 1.66 15.26 -28.01
N PHE A 188 1.91 16.54 -28.22
CA PHE A 188 1.44 17.36 -29.34
C PHE A 188 2.67 18.05 -29.92
N ALA A 189 2.44 18.89 -30.92
CA ALA A 189 3.49 19.61 -31.66
C ALA A 189 3.90 20.84 -30.83
N SER A 190 3.00 21.27 -29.93
CA SER A 190 3.21 22.46 -29.05
C SER A 190 2.68 22.23 -27.63
N ALA A 191 3.23 22.99 -26.67
CA ALA A 191 2.74 23.12 -25.27
C ALA A 191 1.37 23.82 -25.28
N ARG A 192 1.20 24.82 -26.14
CA ARG A 192 -0.12 25.50 -26.26
C ARG A 192 -1.20 24.47 -26.61
N ARG A 193 -0.89 23.58 -27.56
CA ARG A 193 -1.84 22.51 -28.00
C ARG A 193 -2.05 21.53 -26.85
N ALA A 194 -0.98 21.05 -26.21
CA ALA A 194 -1.02 20.13 -25.05
C ALA A 194 -1.84 20.76 -23.92
N SER A 195 -1.72 22.07 -23.71
CA SER A 195 -2.51 22.82 -22.69
C SER A 195 -4.02 22.62 -22.94
N GLU A 196 -4.43 22.60 -24.21
CA GLU A 196 -5.85 22.49 -24.63
C GLU A 196 -6.42 21.11 -24.26
N LEU A 197 -5.59 20.07 -24.24
CA LEU A 197 -6.03 18.74 -23.75
C LEU A 197 -6.24 18.80 -22.24
N LYS A 198 -5.32 19.46 -21.53
CA LYS A 198 -5.38 19.69 -20.06
C LYS A 198 -6.69 20.38 -19.68
N PHE A 199 -6.90 21.60 -20.19
CA PHE A 199 -8.09 22.45 -19.91
C PHE A 199 -9.38 21.73 -20.31
N PHE A 200 -9.35 20.91 -21.36
CA PHE A 200 -10.50 20.06 -21.81
C PHE A 200 -10.82 19.00 -20.76
N LEU A 201 -9.89 18.07 -20.53
CA LEU A 201 -9.96 16.98 -19.51
C LEU A 201 -10.34 17.54 -18.12
N GLU A 202 -9.81 18.70 -17.74
CA GLU A 202 -10.00 19.27 -16.40
C GLU A 202 -11.21 20.21 -16.34
N ASN A 203 -11.97 20.35 -17.42
CA ASN A 203 -13.30 21.01 -17.42
C ASN A 203 -14.31 20.10 -16.73
N PRO A 204 -14.98 20.55 -15.65
CA PRO A 204 -16.05 19.77 -15.01
C PRO A 204 -17.07 19.17 -15.98
N GLU A 205 -17.55 19.99 -16.93
CA GLU A 205 -18.70 19.65 -17.79
C GLU A 205 -18.37 18.48 -18.71
N ASN A 206 -17.10 18.16 -18.90
CA ASN A 206 -16.65 17.02 -19.75
C ASN A 206 -16.62 15.71 -18.95
N PHE A 207 -16.66 15.76 -17.62
CA PHE A 207 -16.29 14.62 -16.73
C PHE A 207 -17.21 13.41 -16.97
N ASP A 208 -18.53 13.62 -17.01
CA ASP A 208 -19.52 12.50 -17.08
C ASP A 208 -19.33 11.72 -18.37
N THR A 209 -18.86 12.40 -19.43
CA THR A 209 -18.56 11.76 -20.74
C THR A 209 -17.29 10.91 -20.63
N LEU A 210 -16.22 11.49 -20.06
CA LEU A 210 -14.92 10.80 -19.83
C LEU A 210 -15.17 9.60 -18.91
N ALA A 211 -16.05 9.78 -17.93
CA ALA A 211 -16.45 8.77 -16.93
C ALA A 211 -17.12 7.58 -17.64
N VAL A 212 -18.18 7.85 -18.41
CA VAL A 212 -18.93 6.82 -19.18
C VAL A 212 -17.99 6.00 -20.06
N VAL A 213 -17.11 6.68 -20.81
CA VAL A 213 -16.10 6.04 -21.69
C VAL A 213 -15.18 5.15 -20.85
N PHE A 214 -14.65 5.68 -19.73
CA PHE A 214 -13.64 5.01 -18.85
C PHE A 214 -14.22 3.72 -18.24
N ASN A 215 -15.51 3.77 -17.87
CA ASN A 215 -16.18 2.80 -16.95
C ASN A 215 -16.72 1.56 -17.69
N ARG A 216 -16.50 1.46 -19.00
CA ARG A 216 -16.75 0.17 -19.72
C ARG A 216 -15.59 -0.78 -19.42
N SER A 217 -14.46 -0.25 -18.91
CA SER A 217 -13.25 -1.02 -18.47
C SER A 217 -13.68 -2.25 -17.64
N SER A 218 -14.77 -2.11 -16.89
CA SER A 218 -15.38 -3.21 -16.08
C SER A 218 -16.67 -2.78 -15.38
N ARG A 219 -17.29 -3.73 -14.66
CA ARG A 219 -18.45 -3.48 -13.77
C ARG A 219 -17.98 -2.55 -12.64
N PHE A 220 -16.70 -2.67 -12.25
CA PHE A 220 -16.14 -2.14 -10.99
C PHE A 220 -15.37 -0.83 -11.19
N ALA A 221 -14.91 -0.53 -12.42
CA ALA A 221 -14.22 0.73 -12.73
C ALA A 221 -15.21 1.88 -12.51
N ARG A 222 -14.90 2.80 -11.60
CA ARG A 222 -15.65 4.08 -11.44
C ARG A 222 -14.61 5.22 -11.36
N LEU A 223 -14.43 5.96 -12.46
CA LEU A 223 -13.45 7.07 -12.58
C LEU A 223 -13.81 8.17 -11.58
N GLN A 224 -12.81 8.67 -10.83
CA GLN A 224 -12.94 9.71 -9.79
C GLN A 224 -12.43 11.07 -10.30
N SER A 225 -11.36 11.10 -11.07
CA SER A 225 -10.72 12.38 -11.49
C SER A 225 -9.70 12.18 -12.62
N VAL A 226 -9.26 13.29 -13.22
CA VAL A 226 -8.17 13.29 -14.25
C VAL A 226 -7.32 14.55 -14.01
N LYS A 227 -6.01 14.40 -13.81
CA LYS A 227 -5.11 15.54 -13.56
C LYS A 227 -4.06 15.60 -14.69
N CYS A 228 -4.26 16.48 -15.66
CA CYS A 228 -3.29 16.63 -16.77
C CYS A 228 -2.14 17.57 -16.34
N THR A 229 -0.93 17.02 -16.13
CA THR A 229 0.33 17.80 -15.93
C THR A 229 1.09 18.00 -17.25
N ILE A 230 1.30 19.25 -17.68
CA ILE A 230 2.03 19.60 -18.94
C ILE A 230 3.52 19.82 -18.62
N ALA A 231 4.43 19.18 -19.39
CA ALA A 231 5.89 19.45 -19.44
C ALA A 231 6.30 19.63 -20.91
N GLY A 232 6.73 20.83 -21.29
CA GLY A 232 6.84 21.27 -22.69
C GLY A 232 5.59 20.93 -23.48
N LYS A 233 5.74 20.19 -24.58
CA LYS A 233 4.59 19.77 -25.43
C LYS A 233 4.10 18.37 -25.04
N ASN A 234 4.55 17.84 -23.89
CA ASN A 234 4.11 16.51 -23.37
C ASN A 234 3.07 16.71 -22.26
N ALA A 235 2.07 15.85 -22.20
CA ALA A 235 1.06 15.86 -21.13
C ALA A 235 1.07 14.51 -20.40
N TYR A 236 1.17 14.55 -19.06
CA TYR A 236 1.09 13.37 -18.15
C TYR A 236 -0.30 13.38 -17.51
N VAL A 237 -1.23 12.56 -18.02
CA VAL A 237 -2.66 12.58 -17.61
C VAL A 237 -2.88 11.52 -16.53
N ARG A 238 -3.03 11.96 -15.27
CA ARG A 238 -3.18 11.04 -14.13
C ARG A 238 -4.68 10.71 -14.02
N PHE A 239 -5.07 9.50 -14.40
CA PHE A 239 -6.44 9.00 -14.16
C PHE A 239 -6.48 8.34 -12.79
N CYS A 240 -7.47 8.70 -11.97
CA CYS A 240 -7.75 8.07 -10.66
C CYS A 240 -9.14 7.46 -10.66
N CYS A 241 -9.28 6.21 -10.21
CA CYS A 241 -10.57 5.50 -10.21
C CYS A 241 -10.65 4.49 -9.05
N SER A 242 -11.86 4.28 -8.52
CA SER A 242 -12.18 3.10 -7.66
C SER A 242 -12.29 1.84 -8.54
N THR A 243 -11.99 0.68 -7.97
CA THR A 243 -11.76 -0.60 -8.71
C THR A 243 -12.24 -1.79 -7.88
N GLY A 244 -13.23 -1.60 -7.00
CA GLY A 244 -13.69 -2.62 -6.04
C GLY A 244 -12.55 -3.21 -5.21
N ASP A 245 -12.50 -4.54 -5.09
CA ASP A 245 -11.61 -5.29 -4.16
C ASP A 245 -10.33 -5.75 -4.89
N ALA A 246 -10.28 -5.55 -6.21
CA ALA A 246 -9.07 -5.76 -7.05
C ALA A 246 -8.16 -4.56 -6.86
N MET A 247 -6.86 -4.80 -6.80
CA MET A 247 -5.84 -3.72 -6.81
C MET A 247 -6.02 -2.89 -8.10
N GLY A 248 -6.33 -3.55 -9.22
CA GLY A 248 -7.07 -2.97 -10.37
C GLY A 248 -6.20 -2.14 -11.29
N MET A 249 -5.07 -2.70 -11.73
CA MET A 249 -4.08 -2.01 -12.60
C MET A 249 -4.38 -2.28 -14.07
N ASN A 250 -4.88 -3.46 -14.39
CA ASN A 250 -5.41 -3.79 -15.75
C ASN A 250 -6.66 -2.97 -16.02
N MET A 251 -7.57 -2.93 -15.03
CA MET A 251 -8.87 -2.21 -15.07
C MET A 251 -8.68 -0.74 -15.42
N VAL A 252 -7.77 -0.07 -14.70
CA VAL A 252 -7.46 1.39 -14.83
C VAL A 252 -6.82 1.61 -16.20
N SER A 253 -6.08 0.62 -16.71
CA SER A 253 -5.42 0.62 -18.06
C SER A 253 -6.47 0.44 -19.17
N LYS A 254 -7.41 -0.52 -19.05
CA LYS A 254 -8.53 -0.69 -20.01
C LYS A 254 -9.23 0.66 -20.14
N GLY A 255 -9.35 1.39 -19.03
CA GLY A 255 -10.11 2.65 -18.95
C GLY A 255 -9.35 3.82 -19.55
N VAL A 256 -8.04 3.87 -19.32
CA VAL A 256 -7.16 4.91 -19.90
C VAL A 256 -7.24 4.78 -21.44
N GLN A 257 -7.10 3.56 -21.97
CA GLN A 257 -7.15 3.25 -23.42
C GLN A 257 -8.51 3.63 -24.01
N ASN A 258 -9.59 3.42 -23.25
CA ASN A 258 -10.96 3.82 -23.65
C ASN A 258 -10.97 5.32 -23.91
N VAL A 259 -10.49 6.11 -22.94
CA VAL A 259 -10.54 7.60 -23.01
C VAL A 259 -9.51 8.07 -24.05
N LEU A 260 -8.43 7.30 -24.24
CA LEU A 260 -7.31 7.66 -25.15
C LEU A 260 -7.78 7.53 -26.60
N GLU A 261 -8.50 6.44 -26.92
CA GLU A 261 -9.18 6.19 -28.22
C GLU A 261 -10.26 7.25 -28.42
N TYR A 262 -11.17 7.44 -27.46
CA TYR A 262 -12.27 8.44 -27.54
C TYR A 262 -11.71 9.84 -27.85
N LEU A 263 -10.43 10.11 -27.51
CA LEU A 263 -9.85 11.47 -27.57
C LEU A 263 -9.38 11.79 -28.99
N THR A 264 -9.29 10.81 -29.88
CA THR A 264 -8.84 11.00 -31.29
C THR A 264 -9.92 11.77 -32.07
N ASP A 265 -11.18 11.71 -31.65
CA ASP A 265 -12.25 12.61 -32.16
C ASP A 265 -11.72 14.05 -32.12
N ASP A 266 -11.49 14.57 -30.91
CA ASP A 266 -11.20 16.01 -30.67
C ASP A 266 -9.70 16.30 -30.86
N PHE A 267 -8.85 15.30 -30.60
CA PHE A 267 -7.36 15.41 -30.57
C PHE A 267 -6.76 14.32 -31.45
N PRO A 268 -6.89 14.39 -32.80
CA PRO A 268 -6.27 13.40 -33.69
C PRO A 268 -4.76 13.60 -33.85
N ASP A 269 -4.25 14.78 -33.44
CA ASP A 269 -2.83 15.20 -33.52
C ASP A 269 -2.05 14.68 -32.30
N MET A 270 -2.75 14.14 -31.31
CA MET A 270 -2.15 13.55 -30.09
C MET A 270 -1.32 12.33 -30.46
N ASP A 271 -0.07 12.23 -30.01
CA ASP A 271 0.73 10.96 -30.01
C ASP A 271 0.75 10.37 -28.60
N VAL A 272 0.21 9.17 -28.43
CA VAL A 272 0.35 8.41 -27.17
C VAL A 272 1.75 7.79 -27.15
N ILE A 273 2.67 8.39 -26.39
CA ILE A 273 4.10 7.98 -26.30
C ILE A 273 4.18 6.73 -25.41
N GLY A 274 3.41 6.67 -24.32
CA GLY A 274 3.40 5.50 -23.44
C GLY A 274 2.13 5.41 -22.61
N ILE A 275 1.62 4.20 -22.42
CA ILE A 275 0.47 3.88 -21.52
C ILE A 275 0.88 4.21 -20.06
N SER A 276 2.20 4.21 -19.76
CA SER A 276 2.77 4.79 -18.50
C SER A 276 3.93 5.75 -18.80
N GLY A 277 3.84 6.98 -18.26
CA GLY A 277 4.90 8.02 -18.29
C GLY A 277 5.59 8.27 -16.95
N ASN A 278 5.53 7.31 -16.01
CA ASN A 278 6.17 7.33 -14.65
C ASN A 278 5.68 8.51 -13.79
N PHE A 279 4.48 9.02 -14.10
CA PHE A 279 3.81 10.10 -13.33
C PHE A 279 2.66 9.50 -12.49
N CYS A 280 2.64 8.17 -12.39
CA CYS A 280 1.56 7.38 -11.74
C CYS A 280 1.74 7.37 -10.22
N SER A 281 2.94 7.11 -9.64
CA SER A 281 4.14 6.46 -10.16
C SER A 281 4.20 5.02 -9.65
N ASP A 282 4.16 4.03 -10.56
CA ASP A 282 4.01 2.60 -10.18
C ASP A 282 5.37 1.97 -9.84
N LYS A 283 5.45 1.39 -8.64
CA LYS A 283 6.60 0.62 -8.12
C LYS A 283 7.84 1.50 -8.12
N LYS A 284 7.66 2.81 -7.96
CA LYS A 284 8.76 3.79 -7.72
C LYS A 284 8.33 4.74 -6.60
N PRO A 285 9.28 5.19 -5.75
CA PRO A 285 9.01 6.27 -4.78
C PRO A 285 8.87 7.59 -5.55
N ALA A 286 7.76 8.31 -5.35
CA ALA A 286 7.50 9.57 -6.08
C ALA A 286 6.72 10.55 -5.19
N ALA A 287 7.07 11.83 -5.27
CA ALA A 287 6.38 12.93 -4.54
C ALA A 287 4.88 12.95 -4.91
N VAL A 288 4.53 12.56 -6.13
CA VAL A 288 3.11 12.66 -6.58
C VAL A 288 2.25 11.72 -5.71
N ASN A 289 2.81 10.58 -5.27
CA ASN A 289 2.11 9.56 -4.44
C ASN A 289 2.02 10.04 -2.98
N TRP A 290 3.09 10.63 -2.45
CA TRP A 290 3.16 11.25 -1.10
C TRP A 290 2.15 12.37 -0.97
N ILE A 291 2.25 13.38 -1.84
CA ILE A 291 1.35 14.55 -1.93
C ILE A 291 -0.09 14.10 -2.25
N GLU A 292 -0.27 13.24 -3.25
CA GLU A 292 -1.59 13.08 -3.92
C GLU A 292 -2.30 11.81 -3.41
N GLY A 293 -1.57 10.82 -2.95
CA GLY A 293 -2.11 9.50 -2.59
C GLY A 293 -2.14 8.55 -3.79
N ARG A 294 -2.04 7.25 -3.54
CA ARG A 294 -2.22 6.23 -4.59
C ARG A 294 -2.77 4.98 -3.92
N GLY A 295 -3.94 4.51 -4.33
CA GLY A 295 -4.63 3.40 -3.65
C GLY A 295 -5.25 3.90 -2.36
N LYS A 296 -5.15 3.15 -1.27
CA LYS A 296 -5.77 3.54 0.01
C LYS A 296 -4.79 4.43 0.81
N SER A 297 -5.19 5.68 1.06
CA SER A 297 -4.52 6.62 2.00
C SER A 297 -5.15 6.43 3.38
N VAL A 298 -4.38 5.92 4.35
CA VAL A 298 -4.84 5.53 5.72
C VAL A 298 -4.12 6.35 6.79
N VAL A 299 -4.84 6.75 7.85
CA VAL A 299 -4.23 7.17 9.14
C VAL A 299 -4.68 6.18 10.21
N CYS A 300 -3.77 5.78 11.10
CA CYS A 300 -4.03 4.80 12.20
C CYS A 300 -3.39 5.33 13.49
N GLU A 301 -4.16 5.36 14.58
CA GLU A 301 -3.76 6.03 15.86
C GLU A 301 -4.18 5.22 17.09
N ALA A 302 -3.42 5.38 18.15
CA ALA A 302 -3.62 4.77 19.49
C ALA A 302 -3.11 5.77 20.53
N VAL A 303 -3.60 5.67 21.76
CA VAL A 303 -3.04 6.42 22.92
C VAL A 303 -2.48 5.39 23.90
N ILE A 304 -1.19 5.48 24.20
CA ILE A 304 -0.54 4.66 25.28
C ILE A 304 -0.46 5.55 26.53
N ARG A 305 -0.97 5.04 27.66
CA ARG A 305 -0.99 5.76 28.96
C ARG A 305 0.41 5.76 29.59
N GLY A 306 0.82 6.86 30.22
CA GLY A 306 2.09 6.94 30.97
C GLY A 306 2.42 5.65 31.71
N GLU A 307 1.43 5.08 32.38
CA GLU A 307 1.56 3.88 33.27
C GLU A 307 2.08 2.70 32.45
N ILE A 308 1.52 2.53 31.26
CA ILE A 308 1.83 1.40 30.33
C ILE A 308 3.16 1.68 29.62
N VAL A 309 3.50 2.96 29.38
CA VAL A 309 4.78 3.35 28.73
C VAL A 309 5.90 3.03 29.71
N ASN A 310 5.71 3.32 31.02
CA ASN A 310 6.68 2.96 32.08
C ASN A 310 6.62 1.44 32.31
N LYS A 311 5.49 0.94 32.83
CA LYS A 311 5.39 -0.45 33.31
C LYS A 311 5.75 -1.40 32.17
N VAL A 312 5.22 -1.19 30.95
CA VAL A 312 5.24 -2.25 29.89
C VAL A 312 6.32 -2.00 28.82
N LEU A 313 6.59 -0.74 28.45
CA LEU A 313 7.52 -0.46 27.33
C LEU A 313 8.88 -0.05 27.90
N LYS A 314 8.93 0.08 29.22
CA LYS A 314 10.18 0.25 29.99
C LYS A 314 10.89 1.49 29.45
N THR A 315 10.12 2.55 29.13
CA THR A 315 10.63 3.91 28.74
C THR A 315 9.70 4.97 29.35
N SER A 316 9.80 6.23 28.87
CA SER A 316 8.84 7.33 29.19
C SER A 316 8.21 7.95 27.95
N VAL A 317 7.10 8.66 28.16
CA VAL A 317 6.39 9.50 27.14
C VAL A 317 7.42 10.42 26.46
N ALA A 318 8.25 11.09 27.25
CA ALA A 318 9.14 12.19 26.78
C ALA A 318 10.27 11.62 25.93
N ALA A 319 10.81 10.47 26.35
CA ALA A 319 11.90 9.76 25.67
C ALA A 319 11.45 9.34 24.26
N LEU A 320 10.21 8.85 24.11
CA LEU A 320 9.64 8.37 22.83
C LEU A 320 9.33 9.54 21.88
N VAL A 321 8.72 10.61 22.41
CA VAL A 321 8.37 11.83 21.62
C VAL A 321 9.66 12.38 20.99
N GLU A 322 10.72 12.40 21.81
CA GLU A 322 12.06 12.92 21.46
C GLU A 322 12.72 12.00 20.43
N LEU A 323 12.78 10.69 20.69
CA LEU A 323 13.38 9.72 19.74
C LEU A 323 12.61 9.79 18.42
N ASN A 324 11.29 9.94 18.44
CA ASN A 324 10.50 10.09 17.19
C ASN A 324 10.96 11.35 16.42
N MET A 325 11.31 12.42 17.13
CA MET A 325 11.65 13.69 16.45
C MET A 325 13.07 13.59 15.86
N LEU A 326 13.97 12.89 16.53
CA LEU A 326 15.42 12.88 16.20
C LEU A 326 15.71 11.80 15.16
N LYS A 327 14.93 10.72 15.19
CA LYS A 327 15.15 9.55 14.32
C LYS A 327 14.26 9.68 13.08
N ASN A 328 12.95 9.60 13.29
CA ASN A 328 11.91 9.52 12.23
C ASN A 328 11.65 10.86 11.52
N LEU A 329 11.92 12.00 12.16
CA LEU A 329 11.62 13.33 11.57
C LEU A 329 12.95 13.99 11.17
N ALA A 330 13.73 14.51 12.13
CA ALA A 330 15.02 15.21 11.87
C ALA A 330 16.00 14.26 11.19
N GLY A 331 16.00 12.99 11.60
CA GLY A 331 16.90 11.99 11.00
C GLY A 331 16.57 11.80 9.56
N SER A 332 15.33 11.49 9.24
CA SER A 332 14.94 11.17 7.83
C SER A 332 15.14 12.41 6.92
N ALA A 333 14.97 13.60 7.49
CA ALA A 333 15.16 14.94 6.87
C ALA A 333 16.63 15.12 6.51
N VAL A 334 17.54 14.97 7.47
CA VAL A 334 19.02 15.06 7.29
C VAL A 334 19.49 14.06 6.19
N ALA A 335 18.85 12.89 6.10
CA ALA A 335 19.12 11.83 5.09
C ALA A 335 18.48 12.18 3.73
N GLY A 336 17.65 13.21 3.64
CA GLY A 336 16.97 13.59 2.39
C GLY A 336 16.01 12.49 1.96
N SER A 337 15.17 12.06 2.88
CA SER A 337 14.14 11.02 2.69
C SER A 337 12.96 11.63 1.92
N LEU A 338 12.28 10.81 1.12
CA LEU A 338 10.94 11.05 0.55
C LEU A 338 10.02 9.96 1.10
N GLY A 339 9.01 10.34 1.87
CA GLY A 339 8.04 9.39 2.45
C GLY A 339 8.64 8.46 3.47
N GLY A 340 9.90 8.65 3.89
CA GLY A 340 10.55 7.67 4.77
C GLY A 340 10.67 8.16 6.19
N PHE A 341 9.63 8.82 6.69
CA PHE A 341 9.58 9.47 8.04
C PHE A 341 9.03 8.49 9.10
N ASN A 342 9.64 7.31 9.16
CA ASN A 342 9.21 6.18 10.00
C ASN A 342 10.43 5.30 10.26
N ALA A 343 10.30 4.33 11.17
CA ALA A 343 11.41 3.44 11.60
C ALA A 343 11.49 2.20 10.71
N HIS A 344 10.40 1.43 10.53
CA HIS A 344 10.46 0.21 9.67
C HIS A 344 9.11 -0.22 9.12
N ALA A 345 8.29 0.70 8.62
CA ALA A 345 7.00 0.36 7.99
C ALA A 345 7.23 -0.75 6.94
N SER A 346 8.39 -0.72 6.28
CA SER A 346 8.69 -1.58 5.10
C SER A 346 8.75 -3.08 5.50
N ASN A 347 9.38 -3.38 6.65
CA ASN A 347 9.42 -4.73 7.25
C ASN A 347 7.99 -5.27 7.37
N ILE A 348 7.07 -4.49 7.93
CA ILE A 348 5.72 -4.99 8.29
C ILE A 348 4.88 -5.10 7.02
N VAL A 349 4.80 -4.02 6.23
CA VAL A 349 4.11 -3.99 4.91
C VAL A 349 4.57 -5.18 4.04
N SER A 350 5.89 -5.41 3.88
CA SER A 350 6.43 -6.52 3.05
C SER A 350 5.84 -7.85 3.54
N ALA A 351 5.99 -8.10 4.84
CA ALA A 351 5.64 -9.38 5.51
C ALA A 351 4.15 -9.68 5.32
N VAL A 352 3.30 -8.69 5.47
CA VAL A 352 1.83 -8.87 5.31
C VAL A 352 1.55 -9.04 3.81
N PHE A 353 2.23 -8.26 2.95
CA PHE A 353 2.00 -8.26 1.48
C PHE A 353 2.28 -9.66 0.93
N ILE A 354 3.43 -10.22 1.31
CA ILE A 354 3.87 -11.54 0.80
C ILE A 354 2.93 -12.65 1.29
N ALA A 355 2.49 -12.64 2.56
CA ALA A 355 1.51 -13.60 3.14
C ALA A 355 0.12 -13.46 2.48
N THR A 356 -0.34 -12.24 2.17
CA THR A 356 -1.73 -12.05 1.66
C THR A 356 -1.77 -12.03 0.13
N GLY A 357 -0.64 -12.38 -0.50
CA GLY A 357 -0.49 -12.47 -1.96
C GLY A 357 -0.65 -11.13 -2.66
N GLN A 358 -0.14 -10.04 -2.09
CA GLN A 358 -0.06 -8.73 -2.80
C GLN A 358 1.17 -8.76 -3.71
N ASP A 359 1.35 -7.69 -4.50
CA ASP A 359 2.52 -7.49 -5.40
C ASP A 359 3.67 -6.93 -4.55
N PRO A 360 4.75 -7.72 -4.28
CA PRO A 360 5.81 -7.29 -3.36
C PRO A 360 6.66 -6.10 -3.83
N ALA A 361 6.51 -5.71 -5.10
CA ALA A 361 7.23 -4.59 -5.74
C ALA A 361 6.49 -3.28 -5.46
N GLN A 362 5.23 -3.38 -5.03
CA GLN A 362 4.36 -2.22 -4.69
C GLN A 362 4.58 -1.81 -3.23
N ASN A 363 5.37 -2.62 -2.55
CA ASN A 363 5.92 -2.36 -1.21
C ASN A 363 6.77 -1.08 -1.21
N VAL A 364 7.31 -0.62 -2.36
CA VAL A 364 8.23 0.57 -2.35
C VAL A 364 7.40 1.83 -2.08
N GLU A 365 6.18 1.92 -2.60
CA GLU A 365 5.34 3.10 -2.30
C GLU A 365 4.30 2.76 -1.23
N SER A 366 4.06 1.49 -0.91
CA SER A 366 3.04 1.11 0.10
C SER A 366 3.64 1.31 1.48
N SER A 367 4.96 1.26 1.59
CA SER A 367 5.73 1.48 2.83
C SER A 367 5.86 2.97 3.18
N GLN A 368 5.33 3.86 2.34
CA GLN A 368 5.41 5.32 2.59
C GLN A 368 4.60 5.68 3.85
N CYS A 369 5.23 6.40 4.78
CA CYS A 369 4.74 6.52 6.17
C CYS A 369 5.37 7.70 6.88
N ILE A 370 4.55 8.59 7.45
CA ILE A 370 5.02 9.46 8.57
C ILE A 370 4.46 8.94 9.92
N THR A 371 5.39 8.61 10.82
CA THR A 371 5.15 8.25 12.24
C THR A 371 5.19 9.53 13.08
N MET A 372 4.07 9.84 13.76
CA MET A 372 3.92 10.95 14.74
C MET A 372 3.76 10.37 16.15
N MET A 373 4.48 10.93 17.13
CA MET A 373 4.39 10.59 18.57
C MET A 373 4.32 11.90 19.36
N GLU A 374 3.17 12.19 19.97
CA GLU A 374 2.80 13.51 20.56
C GLU A 374 2.38 13.24 22.02
N ALA A 375 3.03 13.93 22.97
CA ALA A 375 2.61 13.96 24.39
C ALA A 375 1.22 14.62 24.48
N ILE A 376 0.29 13.96 25.16
CA ILE A 376 -1.07 14.50 25.46
C ILE A 376 -1.31 14.41 26.98
N ASN A 377 -2.37 15.07 27.46
CA ASN A 377 -2.86 15.04 28.86
C ASN A 377 -1.75 15.53 29.81
N ASP A 378 -1.39 16.81 29.66
CA ASP A 378 -0.26 17.47 30.37
C ASP A 378 0.93 16.53 30.44
N GLY A 379 1.32 15.92 29.31
CA GLY A 379 2.52 15.09 29.18
C GLY A 379 2.39 13.71 29.81
N LYS A 380 1.19 13.32 30.23
CA LYS A 380 0.96 12.07 31.01
C LYS A 380 0.95 10.87 30.04
N ASP A 381 0.38 11.08 28.85
CA ASP A 381 0.11 9.99 27.86
C ASP A 381 0.79 10.33 26.52
N ILE A 382 0.86 9.35 25.60
CA ILE A 382 1.45 9.52 24.24
C ILE A 382 0.39 9.14 23.17
N HIS A 383 0.07 10.08 22.27
CA HIS A 383 -0.67 9.82 21.02
C HIS A 383 0.35 9.42 19.95
N ILE A 384 0.19 8.20 19.43
CA ILE A 384 1.03 7.60 18.35
C ILE A 384 0.15 7.39 17.10
N SER A 385 0.67 7.81 15.92
CA SER A 385 0.02 7.50 14.61
C SER A 385 1.04 7.14 13.51
N VAL A 386 0.54 6.42 12.51
CA VAL A 386 1.13 6.28 11.16
C VAL A 386 0.14 6.91 10.16
N THR A 387 0.66 7.78 9.27
CA THR A 387 -0.04 8.33 8.10
C THR A 387 0.65 7.79 6.84
N MET A 388 -0.11 7.08 6.01
CA MET A 388 0.38 6.25 4.88
C MET A 388 -0.42 6.56 3.65
N PRO A 389 0.06 7.43 2.71
CA PRO A 389 -0.77 7.94 1.63
C PRO A 389 -0.99 6.99 0.46
N SER A 390 -0.26 5.87 0.38
CA SER A 390 -0.23 5.04 -0.86
C SER A 390 -0.14 3.55 -0.55
N ILE A 391 -1.07 3.02 0.25
CA ILE A 391 -1.18 1.54 0.47
C ILE A 391 -1.98 1.01 -0.71
N GLU A 392 -1.31 0.14 -1.49
CA GLU A 392 -1.84 -0.47 -2.73
C GLU A 392 -2.02 -1.97 -2.48
N VAL A 393 -3.28 -2.38 -2.27
CA VAL A 393 -3.70 -3.79 -1.97
C VAL A 393 -5.01 -4.11 -2.68
N GLY A 394 -5.22 -5.40 -2.93
CA GLY A 394 -6.51 -6.01 -3.30
C GLY A 394 -6.68 -7.33 -2.58
N THR A 395 -7.91 -7.80 -2.53
CA THR A 395 -8.30 -9.08 -1.88
C THR A 395 -8.75 -10.06 -2.97
N VAL A 396 -8.61 -9.60 -4.21
CA VAL A 396 -9.15 -10.26 -5.42
C VAL A 396 -8.08 -10.17 -6.50
N GLY A 397 -7.83 -11.28 -7.18
CA GLY A 397 -6.94 -11.34 -8.36
C GLY A 397 -5.51 -11.57 -7.94
N GLY A 398 -4.60 -11.58 -8.93
CA GLY A 398 -3.16 -11.81 -8.75
C GLY A 398 -2.88 -13.02 -7.88
N GLY A 399 -1.96 -12.90 -6.94
CA GLY A 399 -1.59 -13.98 -6.02
C GLY A 399 -2.56 -14.14 -4.86
N THR A 400 -3.68 -13.37 -4.80
CA THR A 400 -4.61 -13.41 -3.62
C THR A 400 -5.38 -14.73 -3.66
N GLN A 401 -5.49 -15.32 -4.85
CA GLN A 401 -6.32 -16.53 -5.08
C GLN A 401 -5.48 -17.80 -5.15
N LEU A 402 -4.22 -17.79 -4.71
CA LEU A 402 -3.47 -19.05 -4.48
C LEU A 402 -3.96 -19.62 -3.14
N ALA A 403 -3.92 -20.94 -2.99
CA ALA A 403 -4.34 -21.66 -1.77
C ALA A 403 -3.84 -20.91 -0.53
N SER A 404 -2.53 -20.77 -0.38
CA SER A 404 -1.89 -20.40 0.92
C SER A 404 -2.16 -18.92 1.23
N GLN A 405 -1.93 -18.03 0.26
CA GLN A 405 -2.15 -16.57 0.38
C GLN A 405 -3.61 -16.29 0.70
N SER A 406 -4.53 -17.05 0.10
CA SER A 406 -6.00 -17.00 0.30
C SER A 406 -6.36 -17.33 1.75
N ALA A 407 -5.69 -18.34 2.32
CA ALA A 407 -5.90 -18.81 3.71
C ALA A 407 -5.58 -17.67 4.69
N CYS A 408 -4.59 -16.84 4.33
CA CYS A 408 -4.04 -15.73 5.17
C CYS A 408 -5.00 -14.51 5.13
N LEU A 409 -5.61 -14.24 3.98
CA LEU A 409 -6.65 -13.19 3.83
C LEU A 409 -7.90 -13.61 4.59
N ASN A 410 -8.15 -14.92 4.58
CA ASN A 410 -9.39 -15.49 5.13
C ASN A 410 -9.28 -15.44 6.65
N LEU A 411 -8.09 -15.66 7.20
CA LEU A 411 -7.77 -15.41 8.64
C LEU A 411 -8.23 -13.99 9.06
N LEU A 412 -7.97 -12.98 8.23
CA LEU A 412 -8.29 -11.55 8.52
C LEU A 412 -9.75 -11.25 8.18
N GLY A 413 -10.41 -12.20 7.54
CA GLY A 413 -11.81 -12.07 7.08
C GLY A 413 -11.98 -11.07 5.95
N VAL A 414 -10.97 -10.90 5.10
CA VAL A 414 -11.06 -9.95 3.94
C VAL A 414 -10.95 -10.72 2.61
N LYS A 415 -10.83 -12.04 2.65
CA LYS A 415 -10.67 -12.88 1.43
C LYS A 415 -11.79 -12.56 0.43
N GLY A 416 -11.43 -12.25 -0.82
CA GLY A 416 -12.36 -12.14 -1.95
C GLY A 416 -13.05 -10.79 -2.01
N ALA A 417 -14.08 -10.65 -2.85
CA ALA A 417 -14.83 -9.39 -3.04
C ALA A 417 -15.76 -9.14 -1.86
N SER A 418 -16.06 -7.88 -1.54
CA SER A 418 -16.97 -7.52 -0.43
C SER A 418 -18.43 -7.81 -0.80
N THR A 419 -19.14 -8.50 0.10
CA THR A 419 -20.62 -8.70 0.09
C THR A 419 -21.32 -7.36 0.41
N GLU A 420 -21.07 -6.80 1.61
CA GLU A 420 -21.42 -5.42 2.03
C GLU A 420 -21.45 -4.49 0.81
N SER A 421 -20.32 -4.31 0.13
CA SER A 421 -20.19 -3.38 -1.03
C SER A 421 -18.78 -3.44 -1.61
N PRO A 422 -18.63 -3.42 -2.97
CA PRO A 422 -17.33 -3.67 -3.59
C PRO A 422 -16.29 -2.63 -3.16
N GLY A 423 -15.14 -3.10 -2.66
CA GLY A 423 -14.01 -2.26 -2.23
C GLY A 423 -13.74 -2.40 -0.75
N MET A 424 -14.75 -2.83 0.03
CA MET A 424 -14.73 -2.75 1.51
C MET A 424 -13.67 -3.70 2.07
N ASN A 425 -13.44 -4.87 1.47
CA ASN A 425 -12.43 -5.85 1.94
C ASN A 425 -11.01 -5.33 1.69
N ALA A 426 -10.79 -4.60 0.59
CA ALA A 426 -9.48 -4.08 0.18
C ALA A 426 -9.13 -2.88 1.08
N ARG A 427 -10.12 -2.01 1.31
CA ARG A 427 -10.07 -0.90 2.31
C ARG A 427 -9.75 -1.42 3.69
N ARG A 428 -10.43 -2.48 4.15
CA ARG A 428 -10.19 -3.05 5.51
C ARG A 428 -8.80 -3.65 5.57
N LEU A 429 -8.35 -4.34 4.52
CA LEU A 429 -6.96 -4.90 4.47
C LEU A 429 -5.94 -3.77 4.68
N ALA A 430 -6.12 -2.62 4.02
CA ALA A 430 -5.20 -1.46 4.11
C ALA A 430 -5.07 -0.99 5.58
N THR A 431 -6.19 -0.80 6.28
CA THR A 431 -6.26 -0.41 7.72
C THR A 431 -5.55 -1.47 8.59
N ILE A 432 -5.73 -2.76 8.32
CA ILE A 432 -4.99 -3.84 9.03
C ILE A 432 -3.49 -3.63 8.83
N VAL A 433 -3.05 -3.26 7.62
CA VAL A 433 -1.61 -3.00 7.32
C VAL A 433 -1.16 -1.79 8.15
N ALA A 434 -1.95 -0.72 8.12
CA ALA A 434 -1.64 0.53 8.87
C ALA A 434 -1.56 0.22 10.37
N GLY A 435 -2.45 -0.65 10.86
CA GLY A 435 -2.49 -1.06 12.27
C GLY A 435 -1.26 -1.86 12.67
N ALA A 436 -0.89 -2.89 11.91
CA ALA A 436 0.33 -3.70 12.08
C ALA A 436 1.57 -2.81 11.99
N VAL A 437 1.57 -1.84 11.07
CA VAL A 437 2.71 -0.88 10.96
C VAL A 437 2.81 -0.09 12.27
N LEU A 438 1.69 0.46 12.75
CA LEU A 438 1.65 1.26 14.02
C LEU A 438 2.23 0.44 15.18
N ALA A 439 1.82 -0.83 15.29
CA ALA A 439 2.33 -1.77 16.32
C ALA A 439 3.84 -1.95 16.18
N GLY A 440 4.29 -2.12 14.92
CA GLY A 440 5.72 -2.28 14.55
C GLY A 440 6.52 -1.08 14.98
N GLU A 441 6.05 0.12 14.62
CA GLU A 441 6.70 1.42 15.00
C GLU A 441 6.81 1.48 16.52
N LEU A 442 5.69 1.23 17.24
CA LEU A 442 5.62 1.34 18.72
C LEU A 442 6.63 0.36 19.35
N SER A 443 6.65 -0.88 18.89
CA SER A 443 7.53 -1.92 19.45
C SER A 443 9.00 -1.52 19.29
N LEU A 444 9.45 -1.28 18.05
CA LEU A 444 10.87 -0.99 17.72
C LEU A 444 11.25 0.37 18.30
N MET A 445 10.35 1.35 18.28
CA MET A 445 10.63 2.73 18.80
C MET A 445 10.80 2.69 20.31
N SER A 446 10.01 1.88 21.03
CA SER A 446 10.13 1.60 22.48
C SER A 446 11.43 0.86 22.81
N ALA A 447 11.72 -0.25 22.11
CA ALA A 447 12.97 -1.02 22.21
C ALA A 447 14.17 -0.08 22.11
N ILE A 448 14.20 0.82 21.13
CA ILE A 448 15.34 1.75 20.93
C ILE A 448 15.40 2.70 22.15
N ALA A 449 14.30 3.41 22.43
CA ALA A 449 14.24 4.43 23.51
C ALA A 449 14.56 3.81 24.86
N ALA A 450 14.06 2.59 25.12
CA ALA A 450 14.23 1.83 26.38
C ALA A 450 15.71 1.44 26.56
N GLY A 451 16.39 1.14 25.46
CA GLY A 451 17.81 0.71 25.45
C GLY A 451 18.73 1.77 26.02
N GLN A 452 18.29 3.03 26.07
CA GLN A 452 19.11 4.20 26.52
C GLN A 452 19.45 4.05 28.01
C1 GOL B . -4.53 13.80 2.06
O1 GOL B . -4.93 13.15 3.28
C2 GOL B . -4.38 12.85 0.89
O2 GOL B . -5.64 12.47 0.35
C3 GOL B . -3.61 11.59 1.24
O3 GOL B . -2.23 11.88 1.49
H11 GOL B . -3.68 14.27 2.22
H12 GOL B . -5.21 14.48 1.83
HO1 GOL B . -4.99 13.73 3.89
H2 GOL B . -3.88 13.32 0.19
HO2 GOL B . -5.68 11.62 0.35
H31 GOL B . -3.68 10.96 0.49
H32 GOL B . -4.01 11.18 2.04
HO3 GOL B . -2.08 12.70 1.36
C10 PV9 C . 2.70 -3.33 -21.51
C11 PV9 C . 3.13 -4.08 -20.38
C12 PV9 C . 2.93 -3.66 -19.03
C13 PV9 C . 3.41 -4.44 -17.99
C14 PV9 C . 3.22 -4.02 -16.53
C01 PV9 C . 5.38 -7.75 -17.61
C02 PV9 C . 5.91 -6.82 -16.52
C03 PV9 C . 4.58 -6.52 -17.19
C04 PV9 C . 4.04 -5.62 -18.32
N05 PV9 C . 4.23 -6.00 -19.57
C06 PV9 C . 3.79 -5.27 -20.62
C07 PV9 C . 4.04 -5.74 -21.94
C08 PV9 C . 3.59 -4.99 -23.03
C09 PV9 C . 2.92 -3.79 -22.82
C15 PV9 C . 4.29 -3.71 -15.78
C16 PV9 C . 4.05 -3.28 -14.30
C17 PV9 C . 4.95 -2.08 -13.86
C18 PV9 C . 4.63 -0.80 -14.67
C19 PV9 C . 5.70 0.31 -14.57
C20 PV9 C . 5.40 1.52 -15.49
O21 PV9 C . 5.14 1.31 -16.72
O22 PV9 C . 5.45 2.71 -15.03
O23 PV9 C . 3.46 -0.24 -14.13
O24 PV9 C . 4.30 -4.43 -13.53
C25 PV9 C . 2.21 -2.33 -18.75
C26 PV9 C . 0.84 -2.29 -18.94
C27 PV9 C . 0.15 -1.11 -18.71
C28 PV9 C . 0.87 0.01 -18.30
C29 PV9 C . 2.26 -0.02 -18.12
C30 PV9 C . 2.93 -1.21 -18.34
F31 PV9 C . 0.17 1.15 -18.08
H101 PV9 C . 2.17 -2.39 -21.36
H141 PV9 C . 2.22 -3.96 -16.10
H011 PV9 C . 5.88 -7.69 -18.59
H012 PV9 C . 4.94 -8.71 -17.28
H022 PV9 C . 6.73 -6.13 -16.80
H021 PV9 C . 5.83 -7.18 -15.46
H031 PV9 C . 3.74 -6.84 -16.55
H071 PV9 C . 4.54 -6.67 -22.10
H081 PV9 C . 3.76 -5.35 -24.03
H091 PV9 C . 2.58 -3.20 -23.66
H151 PV9 C . 5.28 -3.75 -16.19
H161 PV9 C . 3.01 -3.00 -14.17
H172 PV9 C . 4.80 -1.89 -12.80
H171 PV9 C . 6.00 -2.35 -14.03
H181 PV9 C . 4.47 -1.05 -15.72
H192 PV9 C . 5.77 0.65 -13.54
H191 PV9 C . 6.66 -0.13 -14.86
H231 PV9 C . 3.16 -0.81 -13.39
H241 PV9 C . 4.56 -5.18 -14.12
H261 PV9 C . 0.30 -3.18 -19.26
H271 PV9 C . -0.92 -1.06 -18.85
H291 PV9 C . 2.78 0.86 -17.80
H301 PV9 C . 4.01 -1.26 -18.21
#